data_4KND
#
_entry.id   4KND
#
_cell.length_a   64.731
_cell.length_b   76.954
_cell.length_c   77.208
_cell.angle_alpha   90.000
_cell.angle_beta   90.000
_cell.angle_gamma   90.000
#
_symmetry.space_group_name_H-M   'I 21 21 21'
#
loop_
_entity.id
_entity.type
_entity.pdbx_description
1 polymer Thioredoxin
2 water water
#
_entity_poly.entity_id   1
_entity_poly.type   'polypeptide(L)'
_entity_poly.pdbx_seq_one_letter_code
;SNA(MSE)ASNDVVVLQDSTFEQEVLKSDTPVLVDFWAVWCGPCKAIAPVVDDLAARYKGKLKVAK(MSE)DVDQHQGVP
QQYGIRSIPTLLVFKGGRVVDTVIGADKTRLEDSVKKAIG
;
_entity_poly.pdbx_strand_id   A,B
#
# COMPACT_ATOMS: atom_id res chain seq x y z
N ASP A 8 -1.67 26.62 -4.64
CA ASP A 8 -1.45 25.74 -3.45
C ASP A 8 -0.55 24.48 -3.66
N VAL A 9 -0.41 23.99 -4.89
CA VAL A 9 0.38 22.78 -5.19
C VAL A 9 1.71 23.06 -5.88
N VAL A 10 2.80 22.66 -5.23
CA VAL A 10 4.11 22.97 -5.72
C VAL A 10 4.51 22.03 -6.86
N VAL A 11 5.00 22.57 -7.96
CA VAL A 11 5.48 21.71 -9.05
C VAL A 11 6.96 21.37 -8.90
N LEU A 12 7.29 20.08 -8.83
CA LEU A 12 8.62 19.67 -8.44
C LEU A 12 9.48 19.43 -9.67
N GLN A 13 10.79 19.58 -9.53
CA GLN A 13 11.72 19.01 -10.50
C GLN A 13 12.73 18.11 -9.82
N ASP A 14 13.40 17.29 -10.63
CA ASP A 14 14.48 16.45 -10.10
C ASP A 14 15.48 17.34 -9.31
N SER A 15 15.83 18.51 -9.86
CA SER A 15 16.82 19.37 -9.20
C SER A 15 16.31 19.99 -7.88
N THR A 16 14.99 20.12 -7.69
CA THR A 16 14.44 20.88 -6.56
C THR A 16 13.83 19.95 -5.49
N PHE A 17 13.82 18.65 -5.75
CA PHE A 17 13.09 17.68 -4.88
C PHE A 17 13.64 17.64 -3.43
N GLU A 18 14.96 17.59 -3.31
CA GLU A 18 15.63 17.52 -2.03
C GLU A 18 15.23 18.68 -1.14
N GLN A 19 15.29 19.89 -1.72
CA GLN A 19 15.04 21.11 -1.00
C GLN A 19 13.58 21.27 -0.59
N GLU A 20 12.70 21.01 -1.57
CA GLU A 20 11.26 21.19 -1.44
C GLU A 20 10.63 20.11 -0.56
N VAL A 21 11.09 18.88 -0.69
CA VAL A 21 10.41 17.77 -0.08
C VAL A 21 11.21 17.22 1.09
N LEU A 22 12.45 16.85 0.84
CA LEU A 22 13.21 16.18 1.85
C LEU A 22 13.57 17.09 3.02
N LYS A 23 13.78 18.37 2.74
CA LYS A 23 14.19 19.32 3.75
C LYS A 23 13.00 20.15 4.22
N SER A 24 11.78 19.76 3.87
CA SER A 24 10.60 20.49 4.32
C SER A 24 10.47 20.37 5.81
N ASP A 25 10.02 21.44 6.43
CA ASP A 25 9.82 21.49 7.87
C ASP A 25 8.47 20.86 8.23
N THR A 26 7.51 20.94 7.30
CA THR A 26 6.23 20.28 7.46
C THR A 26 6.19 19.02 6.65
N PRO A 27 5.24 18.14 6.99
CA PRO A 27 4.98 16.99 6.16
C PRO A 27 4.64 17.35 4.71
N VAL A 28 5.01 16.48 3.77
CA VAL A 28 4.81 16.71 2.33
C VAL A 28 4.09 15.54 1.64
N LEU A 29 3.04 15.88 0.88
CA LEU A 29 2.38 14.90 0.04
C LEU A 29 2.90 15.14 -1.38
N VAL A 30 3.48 14.12 -1.96
CA VAL A 30 3.97 14.14 -3.38
C VAL A 30 3.13 13.20 -4.24
N ASP A 31 2.42 13.83 -5.17
CA ASP A 31 1.64 13.14 -6.15
C ASP A 31 2.49 12.91 -7.39
N PHE A 32 2.86 11.66 -7.63
CA PHE A 32 3.56 11.32 -8.91
C PHE A 32 2.55 11.06 -10.02
N TRP A 33 2.59 11.86 -11.10
CA TRP A 33 1.52 11.80 -12.08
C TRP A 33 2.11 12.03 -13.49
N ALA A 34 1.25 11.87 -14.52
CA ALA A 34 1.61 12.16 -15.94
C ALA A 34 0.33 12.58 -16.66
N VAL A 35 0.48 13.31 -17.76
CA VAL A 35 -0.65 13.90 -18.49
CA VAL A 35 -0.65 13.88 -18.49
C VAL A 35 -1.53 12.80 -19.11
N TRP A 36 -0.98 11.61 -19.31
CA TRP A 36 -1.72 10.54 -19.98
C TRP A 36 -2.48 9.64 -19.02
N CYS A 37 -2.47 9.97 -17.74
CA CYS A 37 -2.87 9.00 -16.70
C CYS A 37 -4.26 9.39 -16.21
N GLY A 38 -5.23 8.56 -16.58
CA GLY A 38 -6.64 8.81 -16.29
C GLY A 38 -6.97 8.74 -14.81
N PRO A 39 -6.47 7.74 -14.13
CA PRO A 39 -6.74 7.64 -12.66
C PRO A 39 -6.02 8.74 -11.87
N CYS A 40 -4.95 9.30 -12.43
CA CYS A 40 -4.35 10.49 -11.86
C CYS A 40 -5.33 11.64 -11.84
N LYS A 41 -6.19 11.78 -12.87
CA LYS A 41 -7.14 12.87 -12.88
C LYS A 41 -8.24 12.63 -11.90
N ALA A 42 -8.48 11.38 -11.59
CA ALA A 42 -9.44 11.07 -10.50
C ALA A 42 -8.94 11.51 -9.13
N ILE A 43 -7.65 11.35 -8.85
CA ILE A 43 -7.07 11.66 -7.55
C ILE A 43 -6.66 13.10 -7.43
N ALA A 44 -6.39 13.76 -8.55
CA ALA A 44 -5.96 15.12 -8.51
C ALA A 44 -6.89 16.09 -7.74
N PRO A 45 -8.23 16.00 -7.90
CA PRO A 45 -9.01 16.93 -7.10
C PRO A 45 -8.93 16.68 -5.57
N VAL A 46 -8.62 15.47 -5.18
CA VAL A 46 -8.48 15.11 -3.73
C VAL A 46 -7.18 15.73 -3.26
N VAL A 47 -6.18 15.62 -4.09
CA VAL A 47 -4.90 16.22 -3.79
C VAL A 47 -5.07 17.75 -3.65
N ASP A 48 -5.74 18.42 -4.61
CA ASP A 48 -5.97 19.85 -4.48
C ASP A 48 -6.78 20.15 -3.19
N ASP A 49 -7.79 19.34 -2.94
CA ASP A 49 -8.63 19.56 -1.77
C ASP A 49 -7.83 19.44 -0.46
N LEU A 50 -6.95 18.45 -0.36
CA LEU A 50 -6.04 18.34 0.77
C LEU A 50 -5.07 19.50 0.90
N ALA A 51 -4.58 20.02 -0.24
CA ALA A 51 -3.74 21.20 -0.27
C ALA A 51 -4.43 22.39 0.35
N ALA A 52 -5.71 22.58 0.01
CA ALA A 52 -6.48 23.68 0.55
C ALA A 52 -6.85 23.41 2.00
N ARG A 53 -7.27 22.19 2.30
CA ARG A 53 -7.73 21.87 3.68
C ARG A 53 -6.64 21.90 4.72
N TYR A 54 -5.41 21.61 4.33
CA TYR A 54 -4.37 21.50 5.33
C TYR A 54 -3.29 22.52 5.11
N LYS A 55 -3.68 23.64 4.53
CA LYS A 55 -2.71 24.68 4.10
C LYS A 55 -1.66 25.04 5.17
N GLY A 56 -2.04 25.14 6.41
CA GLY A 56 -0.99 25.40 7.41
C GLY A 56 0.03 24.27 7.64
N LYS A 57 -0.43 23.04 7.51
CA LYS A 57 0.16 21.88 8.15
C LYS A 57 0.76 20.89 7.18
N LEU A 58 0.47 21.08 5.89
CA LEU A 58 0.90 20.15 4.88
C LEU A 58 1.32 20.87 3.61
N LYS A 59 2.51 20.53 3.13
CA LYS A 59 2.98 20.93 1.79
C LYS A 59 2.51 19.92 0.79
N VAL A 60 1.89 20.39 -0.27
CA VAL A 60 1.44 19.53 -1.33
C VAL A 60 2.18 19.87 -2.63
N ALA A 61 2.66 18.84 -3.28
CA ALA A 61 3.59 18.99 -4.43
C ALA A 61 3.24 17.91 -5.43
N LYS A 62 3.58 18.13 -6.70
CA LYS A 62 3.34 17.11 -7.69
C LYS A 62 4.55 17.03 -8.64
N MSE A 63 4.71 15.85 -9.23
CA MSE A 63 5.88 15.53 -10.06
C MSE A 63 5.42 14.78 -11.27
O MSE A 63 4.91 13.64 -11.17
CB MSE A 63 6.89 14.71 -9.24
CG MSE A 63 8.21 14.60 -10.01
SE MSE A 63 9.68 14.15 -8.77
CE MSE A 63 10.90 15.49 -9.47
N ASP A 64 5.65 15.40 -12.45
CA ASP A 64 5.33 14.83 -13.76
C ASP A 64 6.43 13.83 -14.05
N VAL A 65 6.09 12.55 -14.03
CA VAL A 65 7.11 11.51 -14.12
C VAL A 65 7.72 11.47 -15.54
N ASP A 66 7.11 12.17 -16.48
CA ASP A 66 7.69 12.24 -17.83
C ASP A 66 8.70 13.35 -17.99
N GLN A 67 8.50 14.43 -17.26
CA GLN A 67 9.41 15.54 -17.21
C GLN A 67 10.63 15.26 -16.34
N HIS A 68 10.42 14.50 -15.26
CA HIS A 68 11.46 14.26 -14.26
C HIS A 68 11.54 12.82 -13.91
N GLN A 69 12.51 12.12 -14.49
CA GLN A 69 12.57 10.67 -14.33
C GLN A 69 13.55 10.21 -13.25
N GLY A 70 14.47 11.08 -12.84
CA GLY A 70 15.46 10.71 -11.83
C GLY A 70 14.87 10.32 -10.48
N VAL A 71 14.13 11.24 -9.87
CA VAL A 71 13.58 10.95 -8.54
C VAL A 71 12.53 9.82 -8.53
N PRO A 72 11.61 9.80 -9.53
CA PRO A 72 10.62 8.67 -9.52
C PRO A 72 11.26 7.32 -9.58
N GLN A 73 12.41 7.29 -10.25
CA GLN A 73 13.19 6.09 -10.31
C GLN A 73 13.88 5.76 -8.98
N GLN A 74 14.49 6.74 -8.31
CA GLN A 74 15.06 6.48 -6.96
C GLN A 74 14.05 6.01 -5.92
N TYR A 75 12.78 6.45 -6.03
CA TYR A 75 11.75 6.01 -5.08
C TYR A 75 10.94 4.81 -5.51
N GLY A 76 11.40 4.15 -6.56
CA GLY A 76 10.74 2.95 -7.04
C GLY A 76 9.33 3.17 -7.54
N ILE A 77 9.05 4.32 -8.14
CA ILE A 77 7.69 4.63 -8.57
C ILE A 77 7.45 3.84 -9.88
N ARG A 78 6.71 2.75 -9.78
N ARG A 78 6.72 2.73 -9.78
CA ARG A 78 6.53 1.81 -10.89
CA ARG A 78 6.56 1.83 -10.91
C ARG A 78 5.30 2.14 -11.72
N SER A 79 4.26 2.57 -11.06
CA SER A 79 3.02 2.81 -11.73
C SER A 79 2.46 4.09 -11.14
N ILE A 80 1.48 4.67 -11.82
CA ILE A 80 0.88 5.89 -11.37
C ILE A 80 -0.64 5.78 -11.51
N PRO A 81 -1.41 6.48 -10.65
CA PRO A 81 -0.86 7.37 -9.66
C PRO A 81 -0.17 6.64 -8.56
N THR A 82 0.92 7.23 -8.09
CA THR A 82 1.49 6.89 -6.76
C THR A 82 1.72 8.18 -5.98
N LEU A 83 1.34 8.13 -4.71
CA LEU A 83 1.47 9.28 -3.88
C LEU A 83 2.29 8.92 -2.65
N LEU A 84 3.28 9.74 -2.37
CA LEU A 84 4.14 9.52 -1.19
C LEU A 84 3.90 10.62 -0.20
N VAL A 85 3.72 10.25 1.08
CA VAL A 85 3.72 11.19 2.15
C VAL A 85 5.13 11.12 2.80
N PHE A 86 5.74 12.30 2.96
CA PHE A 86 7.06 12.49 3.59
C PHE A 86 6.98 13.30 4.89
N LYS A 87 7.92 13.03 5.79
CA LYS A 87 8.09 13.78 7.01
C LYS A 87 9.52 13.59 7.49
N GLY A 88 10.22 14.70 7.70
CA GLY A 88 11.63 14.68 8.08
C GLY A 88 12.54 13.95 7.11
N GLY A 89 12.22 13.97 5.81
CA GLY A 89 13.03 13.29 4.84
C GLY A 89 12.70 11.83 4.63
N ARG A 90 11.76 11.28 5.41
CA ARG A 90 11.41 9.87 5.33
C ARG A 90 10.04 9.66 4.75
N VAL A 91 9.86 8.51 4.14
CA VAL A 91 8.60 8.16 3.56
C VAL A 91 7.68 7.60 4.67
N VAL A 92 6.55 8.25 4.91
CA VAL A 92 5.54 7.81 5.89
C VAL A 92 4.62 6.77 5.29
N ASP A 93 4.26 6.92 4.01
CA ASP A 93 3.47 5.89 3.37
C ASP A 93 3.60 6.11 1.89
N THR A 94 3.31 5.04 1.17
CA THR A 94 3.26 4.97 -0.29
C THR A 94 1.83 4.58 -0.72
N VAL A 95 1.10 5.45 -1.38
CA VAL A 95 -0.25 5.14 -1.80
C VAL A 95 -0.24 4.83 -3.27
N ILE A 96 -0.64 3.62 -3.59
CA ILE A 96 -0.52 3.13 -4.94
C ILE A 96 -1.91 3.14 -5.52
N GLY A 97 -2.11 3.90 -6.59
CA GLY A 97 -3.42 4.03 -7.19
C GLY A 97 -4.18 5.21 -6.57
N ALA A 98 -5.37 5.46 -7.10
CA ALA A 98 -6.22 6.59 -6.69
C ALA A 98 -7.02 6.25 -5.40
N ASP A 99 -6.29 5.90 -4.38
CA ASP A 99 -6.92 5.31 -3.19
C ASP A 99 -7.18 6.48 -2.29
N LYS A 100 -8.36 7.06 -2.44
CA LYS A 100 -8.77 8.25 -1.70
C LYS A 100 -8.68 8.03 -0.21
N THR A 101 -9.28 6.94 0.28
CA THR A 101 -9.25 6.67 1.71
C THR A 101 -7.87 6.55 2.31
N ARG A 102 -7.05 5.73 1.68
CA ARG A 102 -5.70 5.56 2.14
C ARG A 102 -4.87 6.90 2.13
N LEU A 103 -5.09 7.71 1.12
CA LEU A 103 -4.45 9.00 1.01
C LEU A 103 -4.83 9.90 2.16
N GLU A 104 -6.13 10.08 2.40
CA GLU A 104 -6.59 10.83 3.59
C GLU A 104 -5.94 10.34 4.89
N ASP A 105 -5.97 9.02 5.09
CA ASP A 105 -5.52 8.45 6.33
C ASP A 105 -4.03 8.67 6.49
N SER A 106 -3.27 8.60 5.39
CA SER A 106 -1.80 8.69 5.50
C SER A 106 -1.34 10.12 5.76
N VAL A 107 -1.98 11.06 5.11
CA VAL A 107 -1.84 12.45 5.47
C VAL A 107 -2.07 12.75 6.98
N LYS A 108 -3.22 12.30 7.50
CA LYS A 108 -3.57 12.42 8.93
C LYS A 108 -2.50 11.84 9.80
N LYS A 109 -2.02 10.65 9.46
CA LYS A 109 -0.93 10.06 10.27
C LYS A 109 0.28 10.97 10.37
N ALA A 110 0.65 11.55 9.24
CA ALA A 110 1.81 12.39 9.17
C ALA A 110 1.67 13.67 9.96
N ILE A 111 0.52 14.28 9.84
CA ILE A 111 0.29 15.53 10.48
C ILE A 111 0.09 15.20 11.96
N GLY A 112 -0.89 14.32 12.19
CA GLY A 112 -1.43 13.93 13.50
C GLY A 112 -1.06 14.92 14.57
N ASP B 8 -7.47 -22.49 12.78
CA ASP B 8 -7.48 -21.01 12.67
C ASP B 8 -6.75 -20.49 11.41
N VAL B 9 -5.68 -21.17 10.97
CA VAL B 9 -4.85 -20.70 9.83
C VAL B 9 -4.74 -21.79 8.81
N VAL B 10 -5.22 -21.52 7.62
CA VAL B 10 -5.11 -22.43 6.48
C VAL B 10 -3.76 -22.26 5.73
N VAL B 11 -3.21 -23.37 5.26
CA VAL B 11 -2.05 -23.36 4.39
C VAL B 11 -2.52 -23.53 2.97
N LEU B 12 -2.10 -22.60 2.10
CA LEU B 12 -2.53 -22.59 0.72
C LEU B 12 -1.50 -23.21 -0.17
N GLN B 13 -1.97 -23.69 -1.32
CA GLN B 13 -1.15 -24.22 -2.39
C GLN B 13 -1.73 -23.64 -3.63
N ASP B 14 -0.93 -23.58 -4.71
CA ASP B 14 -1.42 -23.02 -5.99
C ASP B 14 -2.70 -23.73 -6.47
N SER B 15 -2.65 -25.04 -6.47
CA SER B 15 -3.82 -25.85 -6.84
C SER B 15 -5.06 -25.56 -5.97
N THR B 16 -4.90 -25.05 -4.76
CA THR B 16 -6.07 -24.89 -3.87
C THR B 16 -6.51 -23.45 -3.71
N PHE B 17 -5.70 -22.52 -4.20
CA PHE B 17 -5.94 -21.10 -4.01
C PHE B 17 -7.32 -20.66 -4.48
N GLU B 18 -7.72 -21.06 -5.68
CA GLU B 18 -9.05 -20.68 -6.20
C GLU B 18 -10.20 -21.09 -5.29
N GLN B 19 -10.17 -22.34 -4.86
CA GLN B 19 -11.21 -22.89 -3.98
C GLN B 19 -11.24 -22.18 -2.60
N GLU B 20 -10.05 -22.03 -1.99
CA GLU B 20 -9.99 -21.56 -0.59
C GLU B 20 -10.14 -20.06 -0.47
N VAL B 21 -9.58 -19.33 -1.45
CA VAL B 21 -9.57 -17.86 -1.42
C VAL B 21 -10.65 -17.25 -2.30
N LEU B 22 -10.57 -17.49 -3.61
CA LEU B 22 -11.47 -16.78 -4.57
C LEU B 22 -12.94 -17.18 -4.37
N LYS B 23 -13.17 -18.44 -3.94
CA LYS B 23 -14.52 -18.99 -3.77
C LYS B 23 -14.98 -18.92 -2.31
N SER B 24 -14.16 -18.35 -1.44
CA SER B 24 -14.51 -18.22 0.00
C SER B 24 -15.79 -17.39 0.28
N ASP B 25 -16.55 -17.86 1.28
CA ASP B 25 -17.79 -17.20 1.70
CA ASP B 25 -17.78 -17.20 1.74
C ASP B 25 -17.52 -15.99 2.63
N THR B 26 -16.40 -16.02 3.36
CA THR B 26 -15.97 -14.88 4.19
C THR B 26 -14.73 -14.17 3.56
N PRO B 27 -14.47 -12.95 3.94
CA PRO B 27 -13.15 -12.41 3.60
C PRO B 27 -11.96 -13.30 4.01
N VAL B 28 -10.87 -13.14 3.29
CA VAL B 28 -9.69 -13.95 3.46
C VAL B 28 -8.47 -13.03 3.61
N LEU B 29 -7.64 -13.36 4.63
CA LEU B 29 -6.36 -12.75 4.83
C LEU B 29 -5.31 -13.72 4.37
N VAL B 30 -4.58 -13.36 3.31
CA VAL B 30 -3.51 -14.23 2.82
C VAL B 30 -2.14 -13.62 3.07
N ASP B 31 -1.32 -14.37 3.79
CA ASP B 31 0.02 -13.92 4.18
C ASP B 31 1.05 -14.60 3.30
N PHE B 32 1.70 -13.84 2.39
CA PHE B 32 2.76 -14.45 1.59
C PHE B 32 4.11 -14.35 2.32
N TRP B 33 4.76 -15.48 2.53
CA TRP B 33 5.85 -15.50 3.43
C TRP B 33 6.84 -16.57 3.01
N ALA B 34 8.00 -16.57 3.64
CA ALA B 34 9.02 -17.59 3.46
C ALA B 34 9.76 -17.77 4.77
N VAL B 35 10.34 -18.95 4.95
CA VAL B 35 11.05 -19.27 6.19
CA VAL B 35 11.07 -19.30 6.18
C VAL B 35 12.31 -18.42 6.43
N TRP B 36 12.92 -17.91 5.35
CA TRP B 36 14.09 -17.05 5.51
C TRP B 36 13.78 -15.58 5.80
N CYS B 37 12.51 -15.20 5.91
CA CYS B 37 12.10 -13.80 5.95
C CYS B 37 11.86 -13.32 7.38
N GLY B 38 12.74 -12.44 7.86
CA GLY B 38 12.68 -11.81 9.15
C GLY B 38 11.42 -11.03 9.49
N PRO B 39 11.09 -10.04 8.69
CA PRO B 39 9.91 -9.24 8.91
C PRO B 39 8.61 -10.05 8.86
N CYS B 40 8.60 -11.15 8.10
CA CYS B 40 7.46 -12.08 8.07
C CYS B 40 7.22 -12.58 9.47
N LYS B 41 8.28 -12.90 10.17
CA LYS B 41 8.12 -13.41 11.56
C LYS B 41 7.57 -12.34 12.49
N ALA B 42 8.00 -11.11 12.27
CA ALA B 42 7.44 -9.97 12.99
C ALA B 42 5.96 -9.74 12.71
N ILE B 43 5.49 -9.99 11.50
CA ILE B 43 4.07 -9.77 11.21
C ILE B 43 3.20 -10.98 11.65
N ALA B 44 3.82 -12.13 11.78
CA ALA B 44 3.14 -13.38 12.02
C ALA B 44 2.22 -13.32 13.26
N PRO B 45 2.70 -12.69 14.34
CA PRO B 45 1.78 -12.65 15.51
C PRO B 45 0.57 -11.72 15.35
N VAL B 46 0.69 -10.71 14.46
CA VAL B 46 -0.43 -9.81 14.17
C VAL B 46 -1.49 -10.64 13.41
N VAL B 47 -1.03 -11.45 12.46
CA VAL B 47 -1.92 -12.32 11.68
C VAL B 47 -2.71 -13.27 12.62
N ASP B 48 -1.98 -13.92 13.53
CA ASP B 48 -2.59 -14.77 14.60
C ASP B 48 -3.60 -14.01 15.39
N ASP B 49 -3.23 -12.83 15.88
CA ASP B 49 -4.15 -11.99 16.68
CA ASP B 49 -4.22 -12.02 16.67
C ASP B 49 -5.46 -11.72 15.85
N LEU B 50 -5.33 -11.36 14.56
CA LEU B 50 -6.50 -11.13 13.69
C LEU B 50 -7.35 -12.32 13.47
N ALA B 51 -6.72 -13.48 13.28
CA ALA B 51 -7.47 -14.77 13.22
C ALA B 51 -8.23 -15.00 14.49
N ALA B 52 -7.65 -14.61 15.60
CA ALA B 52 -8.34 -14.87 16.95
C ALA B 52 -9.42 -13.86 17.19
N ARG B 53 -9.22 -12.62 16.73
CA ARG B 53 -10.22 -11.55 16.91
C ARG B 53 -11.51 -11.86 16.17
N TYR B 54 -11.37 -12.28 14.92
CA TYR B 54 -12.47 -12.38 13.98
C TYR B 54 -13.02 -13.81 13.85
N LYS B 55 -12.25 -14.83 14.24
CA LYS B 55 -12.69 -16.23 14.18
C LYS B 55 -13.39 -16.65 12.87
N GLY B 56 -14.65 -17.10 12.97
CA GLY B 56 -15.41 -17.54 11.81
C GLY B 56 -15.66 -16.49 10.71
N LYS B 57 -15.43 -15.21 11.02
CA LYS B 57 -15.79 -14.11 10.16
C LYS B 57 -14.68 -13.82 9.14
N LEU B 58 -13.53 -14.48 9.31
CA LEU B 58 -12.31 -14.15 8.59
C LEU B 58 -11.63 -15.47 8.37
N LYS B 59 -11.30 -15.76 7.10
CA LYS B 59 -10.43 -16.89 6.81
C LYS B 59 -8.99 -16.39 6.76
N VAL B 60 -8.12 -17.04 7.53
CA VAL B 60 -6.76 -16.55 7.63
C VAL B 60 -5.90 -17.61 7.08
N ALA B 61 -5.08 -17.25 6.08
CA ALA B 61 -4.32 -18.25 5.29
C ALA B 61 -2.88 -17.83 5.03
N LYS B 62 -2.02 -18.79 4.76
CA LYS B 62 -0.63 -18.50 4.51
C LYS B 62 -0.13 -19.27 3.29
N MSE B 63 0.77 -18.62 2.54
CA MSE B 63 1.31 -19.21 1.32
C MSE B 63 2.81 -19.01 1.26
O MSE B 63 3.31 -17.87 1.28
CB MSE B 63 0.63 -18.60 0.09
CG MSE B 63 1.11 -19.24 -1.19
SE MSE B 63 -0.21 -18.81 -2.57
CE MSE B 63 -0.57 -20.63 -3.20
N ASP B 64 3.52 -20.14 1.29
CA ASP B 64 4.98 -20.19 1.36
C ASP B 64 5.47 -19.97 -0.08
N VAL B 65 6.08 -18.81 -0.32
CA VAL B 65 6.43 -18.43 -1.72
C VAL B 65 7.54 -19.28 -2.34
N ASP B 66 8.31 -19.99 -1.53
CA ASP B 66 9.33 -20.89 -2.07
C ASP B 66 8.71 -22.22 -2.50
N GLN B 67 7.50 -22.47 -2.03
CA GLN B 67 6.81 -23.70 -2.35
C GLN B 67 5.84 -23.49 -3.50
N HIS B 68 5.23 -22.30 -3.59
CA HIS B 68 4.23 -21.99 -4.62
C HIS B 68 4.48 -20.67 -5.33
N GLN B 69 4.63 -20.70 -6.64
CA GLN B 69 5.04 -19.52 -7.42
C GLN B 69 4.01 -19.00 -8.42
N GLY B 70 3.09 -19.86 -8.82
CA GLY B 70 1.99 -19.49 -9.69
C GLY B 70 1.18 -18.36 -9.14
N VAL B 71 0.60 -18.58 -7.96
CA VAL B 71 -0.27 -17.55 -7.41
C VAL B 71 0.47 -16.24 -7.09
N PRO B 72 1.67 -16.34 -6.50
CA PRO B 72 2.41 -15.10 -6.25
C PRO B 72 2.84 -14.29 -7.50
N GLN B 73 3.19 -14.91 -8.63
CA GLN B 73 3.42 -14.07 -9.82
C GLN B 73 2.11 -13.47 -10.26
N GLN B 74 1.08 -14.29 -10.33
CA GLN B 74 -0.18 -13.80 -10.80
C GLN B 74 -0.67 -12.56 -10.02
N TYR B 75 -0.36 -12.47 -8.71
CA TYR B 75 -0.71 -11.30 -7.89
C TYR B 75 0.44 -10.32 -7.70
N GLY B 76 1.53 -10.52 -8.45
CA GLY B 76 2.68 -9.63 -8.47
C GLY B 76 3.40 -9.53 -7.15
N ILE B 77 3.48 -10.62 -6.41
CA ILE B 77 4.10 -10.54 -5.13
C ILE B 77 5.60 -10.48 -5.31
N ARG B 78 6.11 -9.29 -5.10
N ARG B 78 6.19 -9.32 -5.00
CA ARG B 78 7.52 -9.04 -5.18
CA ARG B 78 7.62 -9.05 -5.33
C ARG B 78 8.03 -9.31 -3.75
C ARG B 78 8.59 -9.00 -4.14
N SER B 79 8.21 -8.28 -2.98
N SER B 79 8.16 -8.40 -3.02
CA SER B 79 8.88 -8.51 -1.74
C SER B 79 7.94 -9.23 -0.76
N ILE B 80 8.53 -9.84 0.25
CA ILE B 80 7.73 -10.33 1.36
C ILE B 80 8.24 -9.69 2.65
N PRO B 81 7.36 -9.54 3.63
CA PRO B 81 5.99 -10.01 3.64
C PRO B 81 5.11 -9.15 2.78
N THR B 82 4.18 -9.79 2.09
CA THR B 82 3.11 -9.07 1.47
C THR B 82 1.85 -9.81 1.94
N LEU B 83 0.84 -9.05 2.28
CA LEU B 83 -0.41 -9.66 2.73
C LEU B 83 -1.57 -9.06 1.95
N LEU B 84 -2.40 -9.92 1.38
CA LEU B 84 -3.59 -9.48 0.68
C LEU B 84 -4.80 -9.83 1.40
N VAL B 85 -5.73 -8.89 1.44
CA VAL B 85 -7.09 -9.12 1.90
C VAL B 85 -7.99 -9.28 0.69
N PHE B 86 -8.72 -10.40 0.66
CA PHE B 86 -9.65 -10.73 -0.39
C PHE B 86 -11.06 -10.73 0.12
N LYS B 87 -11.96 -10.37 -0.77
CA LYS B 87 -13.37 -10.58 -0.47
C LYS B 87 -14.12 -10.79 -1.79
N GLY B 88 -15.02 -11.79 -1.82
CA GLY B 88 -15.82 -12.08 -3.00
C GLY B 88 -14.93 -12.34 -4.20
N GLY B 89 -13.71 -12.80 -3.89
CA GLY B 89 -12.74 -13.11 -4.88
C GLY B 89 -12.00 -11.90 -5.46
N ARG B 90 -12.15 -10.73 -4.86
CA ARG B 90 -11.45 -9.49 -5.32
C ARG B 90 -10.48 -9.06 -4.25
N VAL B 91 -9.39 -8.44 -4.66
CA VAL B 91 -8.43 -7.92 -3.70
C VAL B 91 -8.93 -6.61 -3.08
N VAL B 92 -9.03 -6.57 -1.75
CA VAL B 92 -9.53 -5.43 -0.99
C VAL B 92 -8.40 -4.48 -0.67
N ASP B 93 -7.23 -5.05 -0.36
CA ASP B 93 -6.05 -4.28 -0.09
C ASP B 93 -4.82 -5.19 -0.20
N THR B 94 -3.67 -4.55 -0.37
CA THR B 94 -2.36 -5.21 -0.52
C THR B 94 -1.43 -4.55 0.47
N VAL B 95 -0.94 -5.29 1.45
CA VAL B 95 -0.13 -4.71 2.50
C VAL B 95 1.29 -5.13 2.28
N ILE B 96 2.15 -4.15 1.95
CA ILE B 96 3.53 -4.46 1.70
C ILE B 96 4.33 -4.14 2.94
N GLY B 97 5.08 -5.14 3.41
CA GLY B 97 5.91 -5.00 4.58
C GLY B 97 5.15 -5.37 5.86
N ALA B 98 5.82 -5.29 6.97
CA ALA B 98 5.19 -5.72 8.24
C ALA B 98 4.43 -4.54 8.84
N ASP B 99 3.46 -4.01 8.08
CA ASP B 99 2.78 -2.81 8.49
C ASP B 99 1.57 -3.17 9.35
N LYS B 100 1.84 -3.42 10.62
CA LYS B 100 0.80 -3.87 11.54
C LYS B 100 -0.46 -3.04 11.42
N THR B 101 -0.31 -1.73 11.36
CA THR B 101 -1.49 -0.86 11.45
C THR B 101 -2.31 -0.99 10.17
N ARG B 102 -1.65 -0.93 9.03
CA ARG B 102 -2.37 -1.05 7.79
C ARG B 102 -3.10 -2.40 7.68
N LEU B 103 -2.42 -3.47 8.07
CA LEU B 103 -3.00 -4.81 8.01
C LEU B 103 -4.26 -4.93 8.87
N GLU B 104 -4.15 -4.46 10.11
CA GLU B 104 -5.34 -4.40 11.00
C GLU B 104 -6.50 -3.60 10.42
N ASP B 105 -6.17 -2.44 9.85
CA ASP B 105 -7.21 -1.57 9.25
C ASP B 105 -7.85 -2.24 8.02
N SER B 106 -7.03 -2.80 7.13
CA SER B 106 -7.55 -3.41 5.88
C SER B 106 -8.47 -4.61 6.13
N VAL B 107 -8.12 -5.44 7.12
CA VAL B 107 -8.97 -6.53 7.54
C VAL B 107 -10.33 -6.01 8.05
N LYS B 108 -10.27 -4.99 8.89
CA LYS B 108 -11.44 -4.38 9.49
C LYS B 108 -12.39 -3.90 8.42
N LYS B 109 -11.86 -3.21 7.40
CA LYS B 109 -12.79 -2.69 6.42
C LYS B 109 -13.44 -3.82 5.58
N ALA B 110 -12.79 -4.98 5.47
CA ALA B 110 -13.41 -6.10 4.76
C ALA B 110 -14.52 -6.79 5.58
N ILE B 111 -14.42 -6.72 6.89
CA ILE B 111 -15.52 -7.15 7.77
C ILE B 111 -16.45 -5.95 7.85
#